data_5D2K
#
_entry.id   5D2K
#
_cell.length_a   79.328
_cell.length_b   44.411
_cell.length_c   81.623
_cell.angle_alpha   90.00
_cell.angle_beta   118.68
_cell.angle_gamma   90.00
#
_symmetry.space_group_name_H-M   'P 1 21 1'
#
loop_
_entity.id
_entity.type
_entity.pdbx_description
1 polymer '4-oxalocrotonate decarboxylase NahK'
2 non-polymer 'MAGNESIUM ION'
3 non-polymer '2-OXOADIPIC ACID'
4 non-polymer 1,2-ETHANEDIOL
5 non-polymer 'ACETATE ION'
6 water water
#
_entity_poly.entity_id   1
_entity_poly.type   'polypeptide(L)'
_entity_poly.pdbx_seq_one_letter_code
;GHMASMNRTLTREQVLALAEHIENAELNVHDIGKVTNDFPEMTFADAYDVQWEIRRRKEARGNKIVGLKMGLTSWAKMAQ
MGVETPIYGFLADYFSVPDGGVVDCSKLIHPKIEAEISVVTKAPLHGPGCHLGDVIAAIDYVIPTVEVIDSRYENFKFDP
ISVVADNASSTRFITGGRMASLEEVDLRTLGVVMEKNGEVVELGAGAAVLGHPLSSVAMLANLLAERGEHIPAGTFIMTG
GITAAVPVAPGDNITVRYQGLGSVSARFI
;
_entity_poly.pdbx_strand_id   A,B
#
# COMPACT_ATOMS: atom_id res chain seq x y z
N ASN A 7 -36.41 15.45 10.12
CA ASN A 7 -35.87 14.18 9.64
C ASN A 7 -34.86 13.56 10.62
N ARG A 8 -34.80 14.12 11.82
CA ARG A 8 -33.96 13.58 12.88
C ARG A 8 -34.77 13.29 14.14
N THR A 9 -34.40 12.23 14.87
CA THR A 9 -35.10 11.89 16.11
C THR A 9 -34.18 11.79 17.32
N LEU A 10 -32.88 11.67 17.09
CA LEU A 10 -31.93 11.58 18.19
C LEU A 10 -31.60 12.94 18.79
N THR A 11 -31.33 12.95 20.09
CA THR A 11 -30.75 14.12 20.73
C THR A 11 -29.25 14.15 20.41
N ARG A 12 -28.61 15.30 20.55
CA ARG A 12 -27.17 15.39 20.32
C ARG A 12 -26.40 14.46 21.26
N GLU A 13 -26.81 14.43 22.53
CA GLU A 13 -26.21 13.53 23.50
C GLU A 13 -26.26 12.07 23.03
N GLN A 14 -27.38 11.66 22.44
CA GLN A 14 -27.52 10.29 21.96
C GLN A 14 -26.61 10.02 20.75
N VAL A 15 -26.51 10.98 19.85
CA VAL A 15 -25.58 10.83 18.72
C VAL A 15 -24.14 10.58 19.23
N LEU A 16 -23.69 11.42 20.16
CA LEU A 16 -22.33 11.29 20.68
C LEU A 16 -22.13 9.97 21.39
N ALA A 17 -23.10 9.55 22.20
CA ALA A 17 -22.97 8.32 22.97
C ALA A 17 -23.11 7.07 22.08
N LEU A 18 -23.99 7.12 21.08
CA LEU A 18 -24.15 5.98 20.17
C LEU A 18 -22.87 5.80 19.37
N ALA A 19 -22.25 6.91 18.97
CA ALA A 19 -21.01 6.81 18.21
C ALA A 19 -19.91 6.12 19.01
N GLU A 20 -19.80 6.47 20.28
CA GLU A 20 -18.85 5.81 21.19
C GLU A 20 -19.14 4.31 21.32
N HIS A 21 -20.41 3.98 21.54
CA HIS A 21 -20.85 2.60 21.71
C HIS A 21 -20.53 1.74 20.47
N ILE A 22 -20.90 2.26 19.31
CA ILE A 22 -20.71 1.52 18.07
C ILE A 22 -19.23 1.43 17.72
N GLU A 23 -18.51 2.55 17.88
CA GLU A 23 -17.07 2.51 17.61
C GLU A 23 -16.34 1.52 18.53
N ASN A 24 -16.75 1.47 19.80
CA ASN A 24 -16.08 0.58 20.74
C ASN A 24 -16.23 -0.90 20.34
N ALA A 25 -17.33 -1.25 19.70
CA ALA A 25 -17.50 -2.61 19.21
C ALA A 25 -16.44 -2.96 18.15
N GLU A 26 -16.11 -2.01 17.29
CA GLU A 26 -15.05 -2.21 16.32
C GLU A 26 -13.66 -2.28 17.00
N LEU A 27 -13.37 -1.27 17.82
CA LEU A 27 -12.06 -1.17 18.45
C LEU A 27 -11.78 -2.29 19.44
N ASN A 28 -12.82 -2.87 20.02
CA ASN A 28 -12.64 -3.91 21.02
C ASN A 28 -13.18 -5.27 20.60
N VAL A 29 -13.50 -5.40 19.30
CA VAL A 29 -13.76 -6.68 18.66
C VAL A 29 -14.88 -7.49 19.33
N HIS A 30 -16.08 -6.92 19.35
CA HIS A 30 -17.26 -7.65 19.81
C HIS A 30 -18.48 -7.17 19.09
N ASP A 31 -19.50 -8.01 18.99
CA ASP A 31 -20.73 -7.56 18.36
C ASP A 31 -21.63 -6.84 19.36
N ILE A 32 -22.66 -6.18 18.82
CA ILE A 32 -23.66 -5.46 19.60
C ILE A 32 -25.02 -5.70 18.97
N GLY A 33 -26.08 -5.36 19.69
CA GLY A 33 -27.42 -5.42 19.14
C GLY A 33 -27.64 -4.30 18.15
N LYS A 34 -28.54 -4.53 17.18
CA LYS A 34 -28.95 -3.48 16.24
C LYS A 34 -29.38 -2.25 17.02
N VAL A 35 -28.86 -1.09 16.66
CA VAL A 35 -29.16 0.08 17.50
C VAL A 35 -30.61 0.54 17.31
N THR A 36 -31.23 0.16 16.19
CA THR A 36 -32.64 0.48 15.99
C THR A 36 -33.56 -0.31 16.92
N ASN A 37 -33.04 -1.34 17.59
CA ASN A 37 -33.83 -2.00 18.64
C ASN A 37 -34.11 -1.03 19.79
N ASP A 38 -33.09 -0.25 20.17
CA ASP A 38 -33.23 0.72 21.26
C ASP A 38 -33.80 2.06 20.75
N PHE A 39 -33.56 2.37 19.48
CA PHE A 39 -34.08 3.59 18.87
C PHE A 39 -34.84 3.28 17.59
N PRO A 40 -36.06 2.72 17.72
CA PRO A 40 -36.79 2.26 16.53
C PRO A 40 -37.19 3.38 15.55
N GLU A 41 -37.20 4.63 16.01
CA GLU A 41 -37.58 5.75 15.15
C GLU A 41 -36.38 6.38 14.45
N MET A 42 -35.19 5.85 14.70
CA MET A 42 -33.97 6.35 14.10
C MET A 42 -34.08 6.47 12.59
N THR A 43 -33.63 7.61 12.05
CA THR A 43 -33.71 7.86 10.62
C THR A 43 -32.34 7.71 9.96
N PHE A 44 -32.31 7.77 8.63
CA PHE A 44 -31.03 7.75 7.93
C PHE A 44 -30.19 8.97 8.30
N ALA A 45 -30.82 10.14 8.45
CA ALA A 45 -30.07 11.32 8.85
C ALA A 45 -29.46 11.13 10.25
N ASP A 46 -30.21 10.54 11.18
CA ASP A 46 -29.68 10.14 12.49
C ASP A 46 -28.46 9.24 12.35
N ALA A 47 -28.59 8.22 11.51
CA ALA A 47 -27.54 7.22 11.35
C ALA A 47 -26.29 7.84 10.73
N TYR A 48 -26.47 8.72 9.75
CA TYR A 48 -25.29 9.35 9.16
C TYR A 48 -24.65 10.34 10.16
N ASP A 49 -25.47 10.96 11.02
CA ASP A 49 -24.92 11.80 12.09
C ASP A 49 -24.00 10.96 12.97
N VAL A 50 -24.45 9.76 13.32
CA VAL A 50 -23.64 8.88 14.14
C VAL A 50 -22.36 8.47 13.39
N GLN A 51 -22.48 8.09 12.12
CA GLN A 51 -21.32 7.72 11.33
C GLN A 51 -20.27 8.84 11.25
N TRP A 52 -20.73 10.06 10.97
CA TRP A 52 -19.80 11.16 10.85
C TRP A 52 -19.19 11.54 12.22
N GLU A 53 -19.90 11.24 13.30
CA GLU A 53 -19.32 11.45 14.62
C GLU A 53 -18.24 10.41 14.89
N ILE A 54 -18.43 9.18 14.43
CA ILE A 54 -17.37 8.18 14.56
C ILE A 54 -16.15 8.63 13.76
N ARG A 55 -16.38 9.13 12.54
CA ARG A 55 -15.29 9.72 11.77
C ARG A 55 -14.54 10.80 12.55
N ARG A 56 -15.30 11.69 13.21
CA ARG A 56 -14.69 12.75 14.01
C ARG A 56 -13.85 12.19 15.17
N ARG A 57 -14.37 11.16 15.85
CA ARG A 57 -13.61 10.52 16.92
C ARG A 57 -12.26 10.01 16.41
N LYS A 58 -12.28 9.40 15.22
CA LYS A 58 -11.05 8.84 14.68
C LYS A 58 -10.09 9.95 14.27
N GLU A 59 -10.60 10.99 13.63
CA GLU A 59 -9.79 12.15 13.24
CA GLU A 59 -9.75 12.11 13.25
C GLU A 59 -9.15 12.82 14.45
N ALA A 60 -9.93 12.93 15.53
CA ALA A 60 -9.48 13.62 16.74
C ALA A 60 -8.33 12.90 17.41
N ARG A 61 -8.24 11.58 17.23
CA ARG A 61 -7.12 10.85 17.83
C ARG A 61 -5.98 10.64 16.85
N GLY A 62 -6.06 11.31 15.70
CA GLY A 62 -4.93 11.35 14.77
C GLY A 62 -5.01 10.45 13.56
N ASN A 63 -6.09 9.68 13.42
CA ASN A 63 -6.26 8.86 12.22
C ASN A 63 -6.48 9.74 10.99
N LYS A 64 -5.81 9.40 9.88
CA LYS A 64 -6.15 10.03 8.61
C LYS A 64 -7.31 9.28 7.96
N ILE A 65 -8.21 10.00 7.31
CA ILE A 65 -9.28 9.38 6.56
C ILE A 65 -8.79 9.28 5.11
N VAL A 66 -8.56 8.06 4.64
CA VAL A 66 -7.85 7.87 3.37
C VAL A 66 -8.76 7.53 2.22
N GLY A 67 -10.07 7.55 2.45
CA GLY A 67 -11.02 7.36 1.37
C GLY A 67 -12.46 7.17 1.81
N LEU A 68 -13.32 6.86 0.84
CA LEU A 68 -14.73 6.61 1.07
C LEU A 68 -15.12 5.29 0.39
N LYS A 69 -16.18 4.65 0.86
CA LYS A 69 -16.70 3.47 0.17
C LYS A 69 -18.19 3.59 -0.08
N MET A 70 -18.64 3.02 -1.20
CA MET A 70 -20.05 2.84 -1.49
C MET A 70 -20.41 1.39 -1.22
N GLY A 71 -21.58 1.18 -0.62
CA GLY A 71 -22.05 -0.16 -0.32
C GLY A 71 -23.44 -0.42 -0.85
N LEU A 72 -23.74 -1.70 -1.05
CA LEU A 72 -25.03 -2.14 -1.54
C LEU A 72 -25.35 -1.48 -2.87
N THR A 73 -24.44 -1.66 -3.81
CA THR A 73 -24.57 -1.05 -5.13
C THR A 73 -24.80 -2.09 -6.21
N SER A 74 -24.63 -3.37 -5.85
CA SER A 74 -24.79 -4.46 -6.80
CA SER A 74 -24.79 -4.45 -6.81
C SER A 74 -25.97 -5.33 -6.42
N TRP A 75 -26.57 -5.97 -7.41
CA TRP A 75 -27.70 -6.86 -7.16
C TRP A 75 -27.26 -7.94 -6.17
N ALA A 76 -26.06 -8.48 -6.39
CA ALA A 76 -25.55 -9.57 -5.57
C ALA A 76 -25.45 -9.17 -4.11
N LYS A 77 -24.91 -7.98 -3.85
CA LYS A 77 -24.77 -7.51 -2.46
C LYS A 77 -26.11 -7.11 -1.86
N MET A 78 -26.98 -6.50 -2.66
CA MET A 78 -28.33 -6.19 -2.21
C MET A 78 -29.07 -7.46 -1.79
N ALA A 79 -28.97 -8.49 -2.62
CA ALA A 79 -29.65 -9.76 -2.37
C ALA A 79 -29.10 -10.44 -1.11
N GLN A 80 -27.78 -10.47 -0.98
CA GLN A 80 -27.14 -11.14 0.14
C GLN A 80 -27.52 -10.51 1.48
N MET A 81 -27.59 -9.18 1.50
CA MET A 81 -27.81 -8.45 2.75
C MET A 81 -29.27 -8.06 2.95
N GLY A 82 -30.10 -8.32 1.93
CA GLY A 82 -31.53 -8.09 2.03
C GLY A 82 -31.98 -6.65 1.85
N VAL A 83 -31.01 -5.75 1.73
CA VAL A 83 -31.30 -4.33 1.57
C VAL A 83 -31.07 -3.90 0.13
N GLU A 84 -31.83 -2.93 -0.34
CA GLU A 84 -31.66 -2.45 -1.71
C GLU A 84 -31.35 -0.96 -1.77
N THR A 85 -30.91 -0.40 -0.64
CA THR A 85 -30.58 1.03 -0.56
C THR A 85 -29.06 1.24 -0.49
N PRO A 86 -28.48 1.91 -1.51
CA PRO A 86 -27.04 2.20 -1.49
C PRO A 86 -26.67 3.17 -0.39
N ILE A 87 -25.54 2.87 0.24
CA ILE A 87 -25.06 3.63 1.39
C ILE A 87 -23.58 3.93 1.20
N TYR A 88 -23.05 4.84 2.01
CA TYR A 88 -21.62 5.09 1.99
C TYR A 88 -21.06 5.02 3.41
N GLY A 89 -19.73 4.90 3.50
CA GLY A 89 -19.01 5.01 4.76
C GLY A 89 -17.62 5.52 4.47
N PHE A 90 -16.80 5.69 5.51
CA PHE A 90 -15.45 6.21 5.34
C PHE A 90 -14.39 5.15 5.61
N LEU A 91 -13.17 5.40 5.14
CA LEU A 91 -12.04 4.50 5.33
C LEU A 91 -10.93 5.18 6.13
N ALA A 92 -10.59 4.62 7.29
CA ALA A 92 -9.48 5.13 8.09
C ALA A 92 -8.14 4.52 7.65
N ASP A 93 -7.05 5.23 7.92
CA ASP A 93 -5.76 4.76 7.41
C ASP A 93 -5.38 3.35 7.90
N TYR A 94 -5.65 3.02 9.16
CA TYR A 94 -5.23 1.70 9.66
C TYR A 94 -6.08 0.56 9.09
N PHE A 95 -7.13 0.90 8.32
CA PHE A 95 -7.88 -0.13 7.57
C PHE A 95 -7.02 -0.74 6.47
N SER A 96 -6.00 -0.01 6.00
CA SER A 96 -5.26 -0.41 4.81
C SER A 96 -4.35 -1.63 5.02
N VAL A 97 -4.34 -2.51 4.02
CA VAL A 97 -3.53 -3.73 3.99
C VAL A 97 -2.80 -3.77 2.65
N PRO A 98 -1.49 -4.11 2.67
CA PRO A 98 -0.74 -4.16 1.42
C PRO A 98 -1.04 -5.43 0.62
N ASP A 99 -0.93 -5.35 -0.70
CA ASP A 99 -1.05 -6.52 -1.58
C ASP A 99 -0.16 -7.65 -1.04
N GLY A 100 -0.74 -8.83 -0.89
CA GLY A 100 -0.02 -10.00 -0.40
C GLY A 100 0.13 -10.03 1.10
N GLY A 101 -0.49 -9.07 1.78
CA GLY A 101 -0.36 -8.92 3.22
C GLY A 101 -1.12 -9.93 4.06
N VAL A 102 -0.84 -9.89 5.36
CA VAL A 102 -1.44 -10.78 6.34
C VAL A 102 -2.43 -10.01 7.18
N VAL A 103 -3.63 -10.53 7.29
CA VAL A 103 -4.69 -9.90 8.07
C VAL A 103 -4.92 -10.72 9.34
N ASP A 104 -4.84 -10.05 10.50
CA ASP A 104 -5.04 -10.72 11.78
C ASP A 104 -6.52 -10.76 12.14
N CYS A 105 -7.11 -11.96 12.00
CA CYS A 105 -8.54 -12.13 12.28
C CYS A 105 -8.89 -11.98 13.77
N SER A 106 -7.90 -11.96 14.65
CA SER A 106 -8.21 -11.81 16.07
C SER A 106 -8.71 -10.39 16.34
N LYS A 107 -8.51 -9.50 15.38
CA LYS A 107 -8.99 -8.12 15.50
C LYS A 107 -10.33 -7.95 14.80
N LEU A 108 -10.88 -9.06 14.33
CA LEU A 108 -12.11 -9.06 13.55
C LEU A 108 -13.15 -9.98 14.18
N ILE A 109 -14.42 -9.72 13.89
CA ILE A 109 -15.52 -10.41 14.56
C ILE A 109 -16.01 -11.60 13.75
N HIS A 110 -16.42 -11.34 12.51
CA HIS A 110 -16.88 -12.38 11.59
C HIS A 110 -16.73 -11.88 10.15
N PRO A 111 -15.48 -11.76 9.70
CA PRO A 111 -15.16 -11.04 8.47
C PRO A 111 -15.50 -11.78 7.18
N LYS A 112 -15.80 -10.97 6.16
CA LYS A 112 -16.04 -11.44 4.80
CA LYS A 112 -16.02 -11.46 4.80
C LYS A 112 -15.24 -10.58 3.85
N ILE A 113 -14.90 -11.12 2.67
CA ILE A 113 -14.24 -10.31 1.65
C ILE A 113 -15.14 -10.06 0.44
N GLU A 114 -14.93 -8.92 -0.19
CA GLU A 114 -15.64 -8.48 -1.40
C GLU A 114 -14.62 -8.02 -2.43
N ALA A 115 -14.83 -8.36 -3.70
CA ALA A 115 -13.99 -7.81 -4.76
C ALA A 115 -14.56 -6.53 -5.34
N GLU A 116 -13.73 -5.48 -5.41
CA GLU A 116 -14.20 -4.17 -5.88
C GLU A 116 -13.21 -3.50 -6.82
N ILE A 117 -13.67 -2.45 -7.50
CA ILE A 117 -12.72 -1.61 -8.21
C ILE A 117 -12.83 -0.20 -7.61
N SER A 118 -11.67 0.36 -7.30
CA SER A 118 -11.62 1.70 -6.73
C SER A 118 -11.08 2.70 -7.73
N VAL A 119 -11.37 3.97 -7.46
CA VAL A 119 -10.81 5.07 -8.24
C VAL A 119 -10.17 6.08 -7.32
N VAL A 120 -9.21 6.83 -7.86
CA VAL A 120 -8.69 8.01 -7.19
C VAL A 120 -9.05 9.21 -8.06
N THR A 121 -9.64 10.24 -7.47
CA THR A 121 -10.07 11.39 -8.25
C THR A 121 -8.95 12.44 -8.36
N LYS A 122 -9.05 13.31 -9.36
CA LYS A 122 -8.09 14.41 -9.50
C LYS A 122 -8.77 15.79 -9.63
N ALA A 123 -10.08 15.82 -9.44
CA ALA A 123 -10.84 17.07 -9.44
C ALA A 123 -12.03 16.91 -8.51
N PRO A 124 -12.48 17.99 -7.88
CA PRO A 124 -13.63 17.83 -6.97
C PRO A 124 -14.91 17.44 -7.68
N LEU A 125 -15.74 16.66 -6.98
CA LEU A 125 -17.05 16.31 -7.49
C LEU A 125 -18.15 16.72 -6.52
N HIS A 126 -19.16 17.40 -7.05
CA HIS A 126 -20.28 17.92 -6.27
C HIS A 126 -21.63 17.43 -6.77
N GLY A 127 -22.52 17.11 -5.85
CA GLY A 127 -23.94 17.01 -6.15
C GLY A 127 -24.60 18.30 -5.71
N PRO A 128 -25.93 18.37 -5.80
CA PRO A 128 -26.81 17.34 -6.33
C PRO A 128 -26.78 17.31 -7.86
N GLY A 129 -27.42 16.31 -8.45
CA GLY A 129 -27.53 16.20 -9.88
C GLY A 129 -26.24 15.81 -10.58
N CYS A 130 -25.31 15.20 -9.85
CA CYS A 130 -24.11 14.64 -10.46
C CYS A 130 -24.47 13.45 -11.35
N HIS A 131 -24.02 13.48 -12.60
CA HIS A 131 -24.30 12.42 -13.55
C HIS A 131 -23.02 11.70 -13.95
N LEU A 132 -23.19 10.55 -14.61
CA LEU A 132 -22.07 9.78 -15.12
C LEU A 132 -21.07 10.65 -15.90
N GLY A 133 -21.58 11.47 -16.81
CA GLY A 133 -20.71 12.34 -17.59
C GLY A 133 -19.91 13.37 -16.81
N ASP A 134 -20.37 13.72 -15.60
CA ASP A 134 -19.68 14.67 -14.74
C ASP A 134 -18.47 14.04 -14.05
N VAL A 135 -18.48 12.72 -13.95
CA VAL A 135 -17.48 11.98 -13.15
C VAL A 135 -16.23 11.67 -13.96
N ILE A 136 -16.39 11.45 -15.27
CA ILE A 136 -15.37 10.80 -16.06
C ILE A 136 -14.01 11.50 -16.00
N ALA A 137 -13.99 12.80 -16.27
CA ALA A 137 -12.71 13.52 -16.34
C ALA A 137 -12.08 13.69 -14.96
N ALA A 138 -12.89 13.54 -13.92
CA ALA A 138 -12.39 13.66 -12.55
C ALA A 138 -11.62 12.40 -12.09
N ILE A 139 -11.68 11.33 -12.85
CA ILE A 139 -10.97 10.10 -12.48
C ILE A 139 -9.51 10.13 -12.90
N ASP A 140 -8.62 9.96 -11.94
CA ASP A 140 -7.17 9.95 -12.17
C ASP A 140 -6.73 8.55 -12.61
N TYR A 141 -7.00 7.56 -11.78
CA TYR A 141 -6.66 6.18 -12.11
C TYR A 141 -7.52 5.21 -11.30
N VAL A 142 -7.40 3.93 -11.62
CA VAL A 142 -8.22 2.90 -10.98
C VAL A 142 -7.32 1.93 -10.19
N ILE A 143 -7.88 1.34 -9.14
CA ILE A 143 -7.14 0.46 -8.23
CA ILE A 143 -7.14 0.47 -8.22
C ILE A 143 -7.94 -0.79 -7.86
N PRO A 144 -7.45 -1.97 -8.30
CA PRO A 144 -8.08 -3.22 -7.84
C PRO A 144 -8.04 -3.28 -6.31
N THR A 145 -9.19 -3.54 -5.67
CA THR A 145 -9.29 -3.47 -4.22
C THR A 145 -10.20 -4.55 -3.68
N VAL A 146 -9.73 -5.28 -2.68
CA VAL A 146 -10.56 -6.25 -1.96
C VAL A 146 -10.95 -5.66 -0.62
N GLU A 147 -12.25 -5.55 -0.35
CA GLU A 147 -12.67 -5.07 0.97
C GLU A 147 -12.81 -6.23 1.93
N VAL A 148 -12.44 -6.01 3.18
CA VAL A 148 -12.84 -6.89 4.27
C VAL A 148 -13.94 -6.18 5.02
N ILE A 149 -15.15 -6.73 4.98
CA ILE A 149 -16.25 -6.15 5.76
C ILE A 149 -16.51 -6.99 6.99
N ASP A 150 -17.01 -6.34 8.03
CA ASP A 150 -17.13 -6.98 9.33
C ASP A 150 -18.16 -6.23 10.16
N SER A 151 -19.43 -6.50 9.91
CA SER A 151 -20.49 -5.81 10.65
C SER A 151 -20.34 -6.03 12.14
N ARG A 152 -20.50 -4.96 12.91
CA ARG A 152 -20.44 -5.11 14.36
C ARG A 152 -21.78 -5.65 14.92
N TYR A 153 -22.75 -5.91 14.07
CA TYR A 153 -24.02 -6.48 14.55
C TYR A 153 -23.99 -7.98 14.48
N GLU A 154 -24.62 -8.61 15.48
CA GLU A 154 -24.58 -10.06 15.63
C GLU A 154 -25.14 -10.77 14.40
N ASN A 155 -24.47 -11.86 14.04
CA ASN A 155 -24.83 -12.70 12.90
C ASN A 155 -24.82 -11.96 11.57
N PHE A 156 -24.10 -10.84 11.54
CA PHE A 156 -23.96 -10.03 10.35
C PHE A 156 -25.33 -9.70 9.80
N LYS A 157 -26.31 -9.53 10.69
CA LYS A 157 -27.65 -9.20 10.31
C LYS A 157 -28.07 -7.75 10.69
N PHE A 158 -28.39 -6.92 9.70
CA PHE A 158 -28.79 -5.56 9.99
C PHE A 158 -29.92 -4.99 9.13
N ASP A 159 -30.48 -3.83 9.53
CA ASP A 159 -31.37 -3.10 8.71
C ASP A 159 -30.43 -2.03 8.24
N PRO A 160 -30.79 -1.32 7.19
CA PRO A 160 -29.81 -0.34 6.71
C PRO A 160 -29.48 0.83 7.59
N ILE A 161 -30.41 1.24 8.38
CA ILE A 161 -30.14 2.37 9.25
C ILE A 161 -29.05 2.00 10.27
N SER A 162 -29.15 0.81 10.84
CA SER A 162 -28.11 0.36 11.77
C SER A 162 -26.76 0.25 11.07
N VAL A 163 -26.76 -0.28 9.85
CA VAL A 163 -25.51 -0.48 9.11
C VAL A 163 -24.83 0.84 8.77
N VAL A 164 -25.60 1.87 8.41
CA VAL A 164 -25.01 3.18 8.18
C VAL A 164 -24.34 3.70 9.44
N ALA A 165 -25.00 3.55 10.60
CA ALA A 165 -24.44 4.01 11.86
C ALA A 165 -23.12 3.30 12.20
N ASP A 166 -23.01 2.05 11.75
CA ASP A 166 -21.80 1.21 11.90
C ASP A 166 -20.82 1.38 10.72
N ASN A 167 -20.85 2.56 10.11
CA ASN A 167 -19.92 2.89 9.03
C ASN A 167 -19.92 1.84 7.90
N ALA A 168 -21.10 1.35 7.57
CA ALA A 168 -21.28 0.40 6.48
C ALA A 168 -20.35 -0.82 6.61
N SER A 169 -20.13 -1.27 7.85
CA SER A 169 -19.40 -2.52 8.13
C SER A 169 -17.91 -2.47 7.76
N SER A 170 -17.37 -1.27 7.55
CA SER A 170 -16.00 -1.16 7.08
C SER A 170 -15.00 -1.61 8.14
N THR A 171 -13.89 -2.22 7.71
CA THR A 171 -12.84 -2.55 8.67
C THR A 171 -11.44 -2.72 8.06
N ARG A 172 -11.32 -3.31 6.86
CA ARG A 172 -10.03 -3.39 6.17
C ARG A 172 -10.24 -3.27 4.68
N PHE A 173 -9.19 -2.86 3.97
CA PHE A 173 -9.20 -2.95 2.50
C PHE A 173 -7.79 -3.23 2.01
N ILE A 174 -7.72 -3.99 0.93
CA ILE A 174 -6.44 -4.45 0.36
C ILE A 174 -6.33 -3.99 -1.09
N THR A 175 -5.35 -3.14 -1.40
CA THR A 175 -5.15 -2.70 -2.78
C THR A 175 -4.08 -3.56 -3.43
N GLY A 176 -4.16 -3.73 -4.75
CA GLY A 176 -3.15 -4.52 -5.43
C GLY A 176 -3.31 -4.51 -6.92
N GLY A 177 -2.66 -5.46 -7.57
CA GLY A 177 -2.68 -5.56 -9.02
C GLY A 177 -2.12 -4.32 -9.70
N ARG A 178 -2.60 -4.04 -10.90
CA ARG A 178 -2.10 -2.91 -11.70
C ARG A 178 -3.03 -1.70 -11.63
N MET A 179 -2.46 -0.53 -11.32
N MET A 179 -2.51 -0.54 -11.23
CA MET A 179 -3.24 0.68 -11.02
CA MET A 179 -3.37 0.64 -11.04
C MET A 179 -3.17 1.70 -12.15
C MET A 179 -3.18 1.66 -12.16
N ALA A 180 -4.07 1.57 -13.13
CA ALA A 180 -3.96 2.28 -14.41
C ALA A 180 -4.95 3.41 -14.66
N SER A 181 -4.61 4.26 -15.63
CA SER A 181 -5.49 5.34 -16.08
C SER A 181 -6.84 4.83 -16.56
N LEU A 182 -7.88 5.61 -16.33
CA LEU A 182 -9.23 5.20 -16.72
C LEU A 182 -9.36 4.88 -18.21
N GLU A 183 -8.68 5.62 -19.08
CA GLU A 183 -8.86 5.41 -20.52
CA GLU A 183 -8.94 5.37 -20.50
C GLU A 183 -8.36 4.03 -20.97
N GLU A 184 -7.52 3.41 -20.14
CA GLU A 184 -6.96 2.09 -20.45
C GLU A 184 -7.82 0.93 -19.94
N VAL A 185 -8.81 1.24 -19.13
CA VAL A 185 -9.60 0.21 -18.47
CA VAL A 185 -9.60 0.21 -18.44
C VAL A 185 -11.11 0.43 -18.63
N ASP A 186 -11.78 -0.60 -19.14
CA ASP A 186 -13.24 -0.54 -19.26
C ASP A 186 -13.84 -1.06 -17.96
N LEU A 187 -14.33 -0.15 -17.12
CA LEU A 187 -14.84 -0.55 -15.81
C LEU A 187 -16.17 -1.28 -15.91
N ARG A 188 -16.87 -1.13 -17.02
CA ARG A 188 -18.15 -1.81 -17.20
C ARG A 188 -17.95 -3.30 -17.48
N THR A 189 -16.96 -3.61 -18.30
CA THR A 189 -16.75 -4.98 -18.73
C THR A 189 -15.62 -5.69 -17.98
N LEU A 190 -15.02 -4.98 -17.01
CA LEU A 190 -13.93 -5.55 -16.21
C LEU A 190 -14.35 -6.82 -15.51
N GLY A 191 -13.74 -7.94 -15.86
CA GLY A 191 -14.05 -9.20 -15.19
C GLY A 191 -13.23 -9.40 -13.94
N VAL A 192 -13.86 -9.93 -12.90
CA VAL A 192 -13.22 -10.17 -11.62
CA VAL A 192 -13.17 -10.18 -11.63
C VAL A 192 -13.48 -11.59 -11.13
N VAL A 193 -12.42 -12.32 -10.75
CA VAL A 193 -12.56 -13.69 -10.31
C VAL A 193 -11.96 -13.83 -8.91
N MET A 194 -12.79 -14.19 -7.93
CA MET A 194 -12.34 -14.37 -6.55
C MET A 194 -12.03 -15.83 -6.28
N GLU A 195 -10.79 -16.08 -5.85
CA GLU A 195 -10.36 -17.43 -5.46
C GLU A 195 -10.11 -17.46 -3.96
N LYS A 196 -10.53 -18.55 -3.31
CA LYS A 196 -10.26 -18.75 -1.89
C LYS A 196 -9.66 -20.14 -1.73
N ASN A 197 -8.52 -20.21 -1.06
CA ASN A 197 -7.86 -21.49 -0.82
C ASN A 197 -7.71 -22.29 -2.12
N GLY A 198 -7.33 -21.58 -3.17
CA GLY A 198 -6.94 -22.19 -4.43
C GLY A 198 -8.06 -22.47 -5.41
N GLU A 199 -9.29 -22.14 -5.05
CA GLU A 199 -10.39 -22.41 -5.99
C GLU A 199 -11.30 -21.22 -6.20
N VAL A 200 -11.87 -21.13 -7.39
CA VAL A 200 -12.81 -20.06 -7.70
C VAL A 200 -14.05 -20.17 -6.81
N VAL A 201 -14.43 -19.08 -6.16
CA VAL A 201 -15.64 -19.09 -5.33
C VAL A 201 -16.69 -18.06 -5.75
N GLU A 202 -16.27 -16.98 -6.40
CA GLU A 202 -17.19 -15.95 -6.90
C GLU A 202 -16.58 -15.27 -8.11
N LEU A 203 -17.43 -14.74 -8.99
CA LEU A 203 -16.93 -13.90 -10.07
C LEU A 203 -18.02 -12.92 -10.51
N GLY A 204 -17.62 -11.89 -11.24
CA GLY A 204 -18.57 -10.90 -11.71
C GLY A 204 -17.90 -9.86 -12.59
N ALA A 205 -18.69 -8.90 -13.05
CA ALA A 205 -18.15 -7.82 -13.85
C ALA A 205 -18.48 -6.48 -13.21
N GLY A 206 -17.68 -5.47 -13.56
CA GLY A 206 -17.86 -4.14 -13.02
C GLY A 206 -19.28 -3.60 -13.18
N ALA A 207 -19.93 -3.99 -14.27
CA ALA A 207 -21.29 -3.52 -14.54
C ALA A 207 -22.28 -3.86 -13.41
N ALA A 208 -21.94 -4.85 -12.58
CA ALA A 208 -22.78 -5.20 -11.44
C ALA A 208 -22.97 -4.02 -10.48
N VAL A 209 -21.99 -3.12 -10.45
CA VAL A 209 -22.07 -1.92 -9.62
C VAL A 209 -22.90 -0.84 -10.32
N LEU A 210 -24.21 -0.85 -10.11
CA LEU A 210 -25.14 0.16 -10.64
C LEU A 210 -25.11 0.31 -12.16
N GLY A 211 -24.67 -0.72 -12.88
CA GLY A 211 -24.57 -0.64 -14.32
C GLY A 211 -23.21 -0.15 -14.80
N HIS A 212 -22.50 0.54 -13.92
CA HIS A 212 -21.17 1.09 -14.24
C HIS A 212 -20.55 1.60 -12.94
N PRO A 213 -19.32 1.15 -12.61
CA PRO A 213 -18.74 1.66 -11.34
C PRO A 213 -18.70 3.18 -11.21
N LEU A 214 -18.57 3.90 -12.33
CA LEU A 214 -18.54 5.36 -12.25
C LEU A 214 -19.91 5.93 -11.84
N SER A 215 -20.99 5.18 -12.05
CA SER A 215 -22.30 5.62 -11.57
C SER A 215 -22.37 5.61 -10.06
N SER A 216 -21.59 4.72 -9.45
CA SER A 216 -21.48 4.68 -8.00
C SER A 216 -20.82 5.95 -7.46
N VAL A 217 -19.79 6.43 -8.18
CA VAL A 217 -19.11 7.67 -7.84
C VAL A 217 -20.08 8.85 -7.93
N ALA A 218 -20.88 8.90 -9.00
CA ALA A 218 -21.88 9.96 -9.14
C ALA A 218 -22.87 9.91 -7.99
N MET A 219 -23.31 8.70 -7.65
CA MET A 219 -24.26 8.51 -6.56
CA MET A 219 -24.27 8.54 -6.57
C MET A 219 -23.67 9.00 -5.24
N LEU A 220 -22.40 8.68 -5.00
CA LEU A 220 -21.74 9.12 -3.78
C LEU A 220 -21.74 10.65 -3.68
N ALA A 221 -21.45 11.34 -4.78
CA ALA A 221 -21.47 12.80 -4.77
C ALA A 221 -22.85 13.30 -4.39
N ASN A 222 -23.87 12.67 -4.95
CA ASN A 222 -25.24 13.08 -4.68
C ASN A 222 -25.66 12.82 -3.23
N LEU A 223 -25.24 11.68 -2.68
CA LEU A 223 -25.55 11.37 -1.27
C LEU A 223 -24.86 12.35 -0.33
N LEU A 224 -23.60 12.68 -0.62
CA LEU A 224 -22.84 13.59 0.22
C LEU A 224 -23.46 14.98 0.18
N ALA A 225 -23.99 15.38 -0.97
CA ALA A 225 -24.58 16.70 -1.13
C ALA A 225 -25.78 16.93 -0.20
N GLU A 226 -26.44 15.85 0.18
CA GLU A 226 -27.58 15.96 1.11
C GLU A 226 -27.15 16.56 2.44
N ARG A 227 -25.87 16.41 2.79
CA ARG A 227 -25.33 16.96 4.01
C ARG A 227 -24.40 18.16 3.76
N GLY A 228 -24.43 18.71 2.55
CA GLY A 228 -23.56 19.82 2.20
C GLY A 228 -22.10 19.43 2.00
N GLU A 229 -21.85 18.14 1.83
CA GLU A 229 -20.49 17.64 1.64
C GLU A 229 -20.23 17.32 0.18
N HIS A 230 -18.97 17.10 -0.18
CA HIS A 230 -18.63 16.71 -1.55
C HIS A 230 -17.42 15.79 -1.57
N ILE A 231 -16.99 15.41 -2.77
CA ILE A 231 -15.78 14.60 -2.91
C ILE A 231 -14.61 15.46 -3.30
N PRO A 232 -13.67 15.71 -2.37
CA PRO A 232 -12.51 16.52 -2.74
C PRO A 232 -11.62 15.83 -3.79
N ALA A 233 -10.89 16.61 -4.57
CA ALA A 233 -9.86 16.06 -5.44
C ALA A 233 -8.91 15.21 -4.61
N GLY A 234 -8.48 14.09 -5.19
CA GLY A 234 -7.50 13.23 -4.55
C GLY A 234 -8.10 12.18 -3.64
N THR A 235 -9.41 11.95 -3.74
CA THR A 235 -10.08 10.99 -2.89
C THR A 235 -10.08 9.58 -3.49
N PHE A 236 -9.74 8.61 -2.65
CA PHE A 236 -9.82 7.18 -2.97
C PHE A 236 -11.24 6.72 -2.69
N ILE A 237 -11.89 6.11 -3.69
CA ILE A 237 -13.27 5.63 -3.57
C ILE A 237 -13.41 4.17 -3.95
N MET A 238 -13.89 3.36 -3.01
CA MET A 238 -14.21 1.96 -3.31
C MET A 238 -15.66 1.90 -3.78
N THR A 239 -15.89 1.45 -5.01
CA THR A 239 -17.20 1.71 -5.62
C THR A 239 -18.26 0.66 -5.34
N GLY A 240 -17.89 -0.47 -4.72
CA GLY A 240 -18.88 -1.47 -4.33
C GLY A 240 -18.53 -2.92 -4.65
N GLY A 241 -19.04 -3.83 -3.84
CA GLY A 241 -18.78 -5.25 -4.04
C GLY A 241 -19.40 -5.70 -5.34
N ILE A 242 -18.56 -6.29 -6.19
CA ILE A 242 -19.02 -6.73 -7.50
C ILE A 242 -19.78 -8.04 -7.32
N THR A 243 -19.36 -8.84 -6.33
CA THR A 243 -20.01 -10.12 -6.07
C THR A 243 -20.47 -10.22 -4.63
N ALA A 244 -21.13 -11.32 -4.30
CA ALA A 244 -21.45 -11.61 -2.90
C ALA A 244 -20.16 -11.74 -2.09
N ALA A 245 -20.25 -11.33 -0.84
CA ALA A 245 -19.13 -11.42 0.08
C ALA A 245 -18.90 -12.86 0.57
N VAL A 246 -17.66 -13.20 0.85
CA VAL A 246 -17.26 -14.56 1.20
C VAL A 246 -16.56 -14.58 2.56
N PRO A 247 -16.99 -15.45 3.48
CA PRO A 247 -16.35 -15.47 4.80
C PRO A 247 -14.86 -15.89 4.74
N VAL A 248 -14.06 -15.31 5.63
CA VAL A 248 -12.65 -15.68 5.74
C VAL A 248 -12.32 -15.97 7.20
N ALA A 249 -11.30 -16.78 7.41
CA ALA A 249 -10.93 -17.26 8.74
C ALA A 249 -9.43 -17.55 8.79
N PRO A 250 -8.87 -17.68 10.01
CA PRO A 250 -7.43 -17.97 10.09
C PRO A 250 -7.01 -19.15 9.25
N GLY A 251 -5.92 -19.01 8.51
CA GLY A 251 -5.43 -20.05 7.64
C GLY A 251 -5.81 -19.88 6.17
N ASP A 252 -6.83 -19.07 5.91
CA ASP A 252 -7.27 -18.85 4.53
C ASP A 252 -6.31 -17.98 3.72
N ASN A 253 -6.22 -18.26 2.42
CA ASN A 253 -5.56 -17.35 1.50
C ASN A 253 -6.55 -17.01 0.39
N ILE A 254 -6.46 -15.78 -0.10
CA ILE A 254 -7.33 -15.39 -1.19
C ILE A 254 -6.53 -14.73 -2.30
N THR A 255 -7.02 -14.88 -3.52
CA THR A 255 -6.48 -14.18 -4.67
C THR A 255 -7.64 -13.72 -5.52
N VAL A 256 -7.70 -12.42 -5.80
CA VAL A 256 -8.73 -11.93 -6.71
C VAL A 256 -8.08 -11.44 -8.00
N ARG A 257 -8.48 -12.04 -9.11
CA ARG A 257 -7.88 -11.73 -10.41
C ARG A 257 -8.73 -10.72 -11.14
N TYR A 258 -8.08 -9.68 -11.63
CA TYR A 258 -8.74 -8.60 -12.35
C TYR A 258 -8.31 -8.66 -13.79
N GLN A 259 -9.27 -8.82 -14.69
CA GLN A 259 -9.02 -8.91 -16.13
C GLN A 259 -8.07 -7.80 -16.61
N GLY A 260 -6.88 -8.22 -17.06
CA GLY A 260 -5.90 -7.28 -17.59
C GLY A 260 -5.17 -6.41 -16.57
N LEU A 261 -5.46 -6.62 -15.30
CA LEU A 261 -4.89 -5.79 -14.24
C LEU A 261 -4.25 -6.59 -13.11
N GLY A 262 -3.85 -7.83 -13.41
CA GLY A 262 -3.15 -8.61 -12.39
C GLY A 262 -4.08 -9.13 -11.30
N SER A 263 -3.55 -9.25 -10.09
CA SER A 263 -4.32 -9.83 -9.00
C SER A 263 -4.01 -9.17 -7.67
N VAL A 264 -4.97 -9.29 -6.75
CA VAL A 264 -4.83 -8.85 -5.37
C VAL A 264 -4.87 -10.07 -4.47
N SER A 265 -3.93 -10.21 -3.54
CA SER A 265 -3.86 -11.39 -2.68
CA SER A 265 -3.93 -11.37 -2.67
C SER A 265 -3.73 -11.00 -1.21
N ALA A 266 -4.11 -11.91 -0.33
CA ALA A 266 -3.93 -11.72 1.10
C ALA A 266 -4.03 -13.06 1.80
N ARG A 267 -3.46 -13.15 2.99
CA ARG A 267 -3.69 -14.32 3.80
C ARG A 267 -4.13 -13.91 5.18
N PHE A 268 -4.77 -14.84 5.86
CA PHE A 268 -5.41 -14.57 7.14
C PHE A 268 -4.85 -15.44 8.25
N ILE A 269 -4.67 -14.86 9.42
CA ILE A 269 -4.23 -15.63 10.59
C ILE A 269 -5.12 -15.31 11.78
N ASN B 7 38.81 -13.20 -3.16
CA ASN B 7 38.66 -11.94 -2.42
C ASN B 7 37.60 -12.07 -1.32
N ARG B 8 37.79 -13.09 -0.49
CA ARG B 8 37.02 -13.31 0.73
C ARG B 8 37.97 -13.52 1.89
N THR B 9 37.65 -12.99 3.06
CA THR B 9 38.49 -13.17 4.23
C THR B 9 37.76 -13.83 5.39
N LEU B 10 36.44 -13.92 5.29
CA LEU B 10 35.66 -14.61 6.32
C LEU B 10 35.67 -16.12 6.14
N THR B 11 35.64 -16.86 7.26
CA THR B 11 35.34 -18.28 7.17
C THR B 11 33.84 -18.44 7.00
N ARG B 12 33.40 -19.59 6.51
CA ARG B 12 31.97 -19.81 6.33
C ARG B 12 31.25 -19.73 7.68
N GLU B 13 31.91 -20.21 8.74
CA GLU B 13 31.34 -20.13 10.08
C GLU B 13 31.07 -18.68 10.47
N GLN B 14 32.01 -17.80 10.15
CA GLN B 14 31.86 -16.38 10.44
C GLN B 14 30.73 -15.75 9.63
N VAL B 15 30.58 -16.16 8.37
CA VAL B 15 29.48 -15.65 7.56
C VAL B 15 28.14 -15.98 8.21
N LEU B 16 27.98 -17.25 8.58
CA LEU B 16 26.72 -17.69 9.17
C LEU B 16 26.44 -16.97 10.50
N ALA B 17 27.47 -16.81 11.34
CA ALA B 17 27.29 -16.16 12.63
C ALA B 17 27.01 -14.66 12.50
N LEU B 18 27.67 -14.01 11.54
CA LEU B 18 27.44 -12.59 11.29
C LEU B 18 26.04 -12.35 10.77
N ALA B 19 25.58 -13.22 9.89
CA ALA B 19 24.22 -13.10 9.38
C ALA B 19 23.18 -13.22 10.50
N GLU B 20 23.40 -14.16 11.41
CA GLU B 20 22.52 -14.30 12.57
C GLU B 20 22.53 -13.05 13.44
N HIS B 21 23.73 -12.57 13.76
CA HIS B 21 23.94 -11.37 14.58
C HIS B 21 23.27 -10.12 13.99
N ILE B 22 23.50 -9.90 12.70
CA ILE B 22 22.96 -8.72 12.03
C ILE B 22 21.46 -8.85 11.85
N GLU B 23 20.97 -10.04 11.48
CA GLU B 23 19.53 -10.19 11.34
C GLU B 23 18.81 -9.98 12.68
N ASN B 24 19.39 -10.49 13.76
CA ASN B 24 18.72 -10.37 15.06
C ASN B 24 18.64 -8.91 15.51
N ALA B 25 19.57 -8.08 15.06
CA ALA B 25 19.47 -6.65 15.35
C ALA B 25 18.19 -6.08 14.73
N GLU B 26 17.88 -6.50 13.51
CA GLU B 26 16.62 -6.10 12.87
C GLU B 26 15.41 -6.67 13.60
N LEU B 27 15.42 -7.98 13.82
CA LEU B 27 14.23 -8.63 14.37
C LEU B 27 13.96 -8.24 15.82
N ASN B 28 15.02 -7.97 16.57
CA ASN B 28 14.87 -7.58 17.97
C ASN B 28 14.89 -6.07 18.19
N VAL B 29 15.01 -5.32 17.10
CA VAL B 29 14.96 -3.86 17.13
C VAL B 29 16.02 -3.27 18.07
N HIS B 30 17.28 -3.63 17.84
CA HIS B 30 18.34 -2.96 18.56
C HIS B 30 19.51 -2.71 17.61
N ASP B 31 20.29 -1.66 17.88
CA ASP B 31 21.42 -1.40 17.00
C ASP B 31 22.68 -2.02 17.58
N ILE B 32 23.66 -2.20 16.71
CA ILE B 32 24.91 -2.90 17.00
C ILE B 32 26.09 -2.10 16.43
N GLY B 33 27.31 -2.45 16.82
CA GLY B 33 28.48 -1.85 16.20
C GLY B 33 28.69 -2.30 14.77
N LYS B 34 29.28 -1.43 13.93
CA LYS B 34 29.64 -1.79 12.57
C LYS B 34 30.47 -3.07 12.59
N VAL B 35 30.10 -4.06 11.78
CA VAL B 35 30.78 -5.36 11.86
C VAL B 35 32.22 -5.26 11.35
N THR B 36 32.53 -4.24 10.56
CA THR B 36 33.91 -4.08 10.10
C THR B 36 34.83 -3.57 11.20
N ASN B 37 34.27 -3.20 12.35
CA ASN B 37 35.09 -2.92 13.52
C ASN B 37 35.76 -4.21 13.99
N ASP B 38 34.99 -5.30 14.00
CA ASP B 38 35.48 -6.59 14.47
C ASP B 38 36.09 -7.44 13.37
N PHE B 39 35.72 -7.14 12.13
CA PHE B 39 36.30 -7.81 10.96
C PHE B 39 36.76 -6.76 9.94
N PRO B 40 37.85 -6.05 10.26
CA PRO B 40 38.32 -4.93 9.43
C PRO B 40 38.71 -5.34 8.01
N GLU B 41 39.01 -6.61 7.79
CA GLU B 41 39.47 -7.09 6.49
C GLU B 41 38.32 -7.56 5.61
N MET B 42 37.09 -7.46 6.12
CA MET B 42 35.91 -7.86 5.35
CA MET B 42 35.91 -7.88 5.36
C MET B 42 35.86 -7.22 3.99
N THR B 43 35.56 -8.02 2.96
CA THR B 43 35.44 -7.51 1.60
C THR B 43 33.98 -7.36 1.19
N PHE B 44 33.74 -6.79 0.01
CA PHE B 44 32.38 -6.75 -0.51
C PHE B 44 31.81 -8.15 -0.76
N ALA B 45 32.64 -9.09 -1.22
CA ALA B 45 32.15 -10.45 -1.45
C ALA B 45 31.75 -11.10 -0.11
N ASP B 46 32.54 -10.87 0.93
CA ASP B 46 32.17 -11.29 2.29
C ASP B 46 30.82 -10.70 2.69
N ALA B 47 30.66 -9.39 2.47
CA ALA B 47 29.45 -8.70 2.88
C ALA B 47 28.23 -9.21 2.11
N TYR B 48 28.38 -9.44 0.80
CA TYR B 48 27.24 -9.97 0.06
C TYR B 48 26.95 -11.45 0.44
N ASP B 49 27.99 -12.21 0.81
CA ASP B 49 27.76 -13.54 1.38
C ASP B 49 26.88 -13.42 2.63
N VAL B 50 27.19 -12.44 3.49
CA VAL B 50 26.37 -12.25 4.68
C VAL B 50 24.94 -11.85 4.31
N GLN B 51 24.79 -10.89 3.40
CA GLN B 51 23.45 -10.46 2.99
C GLN B 51 22.62 -11.61 2.43
N TRP B 52 23.21 -12.42 1.56
CA TRP B 52 22.46 -13.49 0.94
C TRP B 52 22.17 -14.61 1.96
N GLU B 53 23.03 -14.76 2.97
CA GLU B 53 22.70 -15.68 4.07
C GLU B 53 21.53 -15.16 4.91
N ILE B 54 21.42 -13.84 5.12
CA ILE B 54 20.23 -13.32 5.78
C ILE B 54 19.01 -13.60 4.91
N ARG B 55 19.13 -13.41 3.60
CA ARG B 55 18.05 -13.73 2.68
CA ARG B 55 18.04 -13.73 2.70
C ARG B 55 17.61 -15.18 2.86
N ARG B 56 18.59 -16.08 2.94
CA ARG B 56 18.31 -17.52 3.12
C ARG B 56 17.59 -17.80 4.43
N ARG B 57 18.03 -17.16 5.52
CA ARG B 57 17.38 -17.33 6.82
C ARG B 57 15.90 -16.92 6.73
N LYS B 58 15.63 -15.82 6.03
CA LYS B 58 14.25 -15.37 5.89
C LYS B 58 13.43 -16.32 5.04
N GLU B 59 13.98 -16.79 3.93
CA GLU B 59 13.23 -17.73 3.10
C GLU B 59 12.97 -19.04 3.83
N ALA B 60 13.93 -19.46 4.65
CA ALA B 60 13.79 -20.75 5.36
C ALA B 60 12.66 -20.70 6.39
N ARG B 61 12.33 -19.52 6.91
CA ARG B 61 11.22 -19.44 7.86
C ARG B 61 9.93 -19.01 7.18
N GLY B 62 9.95 -19.00 5.84
CA GLY B 62 8.74 -18.84 5.07
C GLY B 62 8.49 -17.47 4.44
N ASN B 63 9.42 -16.54 4.61
CA ASN B 63 9.26 -15.24 3.99
C ASN B 63 9.48 -15.30 2.49
N LYS B 64 8.64 -14.62 1.73
CA LYS B 64 8.87 -14.46 0.30
C LYS B 64 9.75 -13.23 0.07
N ILE B 65 10.67 -13.33 -0.87
CA ILE B 65 11.46 -12.18 -1.29
C ILE B 65 10.75 -11.53 -2.48
N VAL B 66 10.36 -10.27 -2.34
CA VAL B 66 9.45 -9.67 -3.30
C VAL B 66 10.06 -8.59 -4.20
N GLY B 67 11.35 -8.29 -4.02
CA GLY B 67 11.99 -7.30 -4.87
C GLY B 67 13.41 -7.01 -4.44
N LEU B 68 14.01 -6.03 -5.12
CA LEU B 68 15.38 -5.60 -4.83
C LEU B 68 15.40 -4.08 -4.72
N LYS B 69 16.38 -3.56 -3.97
CA LYS B 69 16.57 -2.10 -3.86
C LYS B 69 18.02 -1.71 -4.12
N MET B 70 18.21 -0.46 -4.50
CA MET B 70 19.54 0.06 -4.81
C MET B 70 19.94 1.16 -3.86
N GLY B 71 21.21 1.15 -3.47
CA GLY B 71 21.76 2.20 -2.64
C GLY B 71 23.00 2.80 -3.27
N LEU B 72 23.41 3.96 -2.76
CA LEU B 72 24.58 4.70 -3.28
C LEU B 72 24.43 4.94 -4.78
N THR B 73 23.24 5.42 -5.17
CA THR B 73 22.96 5.69 -6.58
C THR B 73 23.22 7.15 -6.97
N SER B 74 24.26 7.72 -6.39
CA SER B 74 24.72 9.07 -6.74
C SER B 74 26.22 9.02 -6.95
N TRP B 75 26.69 9.55 -8.08
CA TRP B 75 28.13 9.51 -8.34
C TRP B 75 28.92 10.27 -7.28
N ALA B 76 28.35 11.36 -6.77
CA ALA B 76 29.01 12.13 -5.72
C ALA B 76 29.18 11.28 -4.47
N LYS B 77 28.12 10.57 -4.08
CA LYS B 77 28.20 9.70 -2.91
C LYS B 77 29.19 8.56 -3.08
N MET B 78 29.18 7.91 -4.24
CA MET B 78 30.14 6.86 -4.53
C MET B 78 31.57 7.37 -4.38
N ALA B 79 31.84 8.56 -4.95
CA ALA B 79 33.17 9.14 -4.89
C ALA B 79 33.58 9.41 -3.45
N GLN B 80 32.62 9.89 -2.66
CA GLN B 80 32.83 10.19 -1.25
C GLN B 80 33.24 8.93 -0.48
N MET B 81 32.56 7.83 -0.77
CA MET B 81 32.78 6.57 -0.06
C MET B 81 33.90 5.75 -0.68
N GLY B 82 34.45 6.23 -1.79
CA GLY B 82 35.52 5.52 -2.47
C GLY B 82 35.07 4.19 -3.06
N VAL B 83 33.83 4.11 -3.50
CA VAL B 83 33.38 2.92 -4.21
C VAL B 83 33.11 3.29 -5.66
N GLU B 84 33.07 2.29 -6.52
CA GLU B 84 32.99 2.54 -7.95
C GLU B 84 31.63 2.13 -8.51
N THR B 85 30.78 1.55 -7.67
CA THR B 85 29.46 1.11 -8.09
C THR B 85 28.46 1.35 -6.97
N PRO B 86 27.16 1.34 -7.30
CA PRO B 86 26.13 1.29 -6.25
C PRO B 86 26.17 -0.04 -5.50
N ILE B 87 25.29 -0.16 -4.50
CA ILE B 87 25.08 -1.41 -3.79
C ILE B 87 23.62 -1.83 -3.94
N TYR B 88 23.32 -3.09 -3.63
CA TYR B 88 21.91 -3.53 -3.63
C TYR B 88 21.58 -4.29 -2.34
N GLY B 89 20.27 -4.43 -2.11
CA GLY B 89 19.75 -5.30 -1.07
C GLY B 89 18.43 -5.89 -1.55
N PHE B 90 17.87 -6.78 -0.74
CA PHE B 90 16.60 -7.44 -1.08
C PHE B 90 15.45 -6.91 -0.21
N LEU B 91 14.24 -7.13 -0.71
CA LEU B 91 13.03 -6.72 -0.02
C LEU B 91 12.23 -7.96 0.35
N ALA B 92 11.95 -8.14 1.64
CA ALA B 92 11.10 -9.25 2.10
C ALA B 92 9.63 -8.83 2.08
N ASP B 93 8.74 -9.81 2.00
CA ASP B 93 7.31 -9.52 1.91
C ASP B 93 6.77 -8.61 3.02
N TYR B 94 7.19 -8.84 4.27
CA TYR B 94 6.66 -8.07 5.39
C TYR B 94 7.21 -6.64 5.42
N PHE B 95 8.16 -6.32 4.53
CA PHE B 95 8.60 -4.93 4.38
C PHE B 95 7.49 -4.04 3.78
N SER B 96 6.56 -4.65 3.04
CA SER B 96 5.58 -3.87 2.30
C SER B 96 4.54 -3.21 3.19
N VAL B 97 4.40 -1.91 2.98
CA VAL B 97 3.44 -1.07 3.72
C VAL B 97 2.48 -0.48 2.70
N PRO B 98 1.17 -0.51 2.99
CA PRO B 98 0.23 0.05 2.01
C PRO B 98 0.25 1.58 1.97
N ASP B 99 -0.08 2.13 0.81
CA ASP B 99 -0.22 3.58 0.61
C ASP B 99 -1.23 4.14 1.62
N GLY B 100 -0.83 5.16 2.37
CA GLY B 100 -1.68 5.73 3.38
C GLY B 100 -1.61 4.97 4.69
N GLY B 101 -0.78 3.93 4.71
CA GLY B 101 -0.71 3.03 5.84
C GLY B 101 -0.05 3.59 7.10
N VAL B 102 -0.23 2.87 8.19
CA VAL B 102 0.31 3.26 9.48
C VAL B 102 1.54 2.42 9.78
N VAL B 103 2.64 3.08 10.11
CA VAL B 103 3.92 2.40 10.33
C VAL B 103 4.32 2.49 11.78
N ASP B 104 4.48 1.34 12.41
CA ASP B 104 4.79 1.23 13.84
C ASP B 104 6.28 1.37 14.11
N CYS B 105 6.69 2.51 14.66
CA CYS B 105 8.10 2.76 14.93
C CYS B 105 8.67 1.98 16.10
N SER B 106 7.83 1.31 16.89
CA SER B 106 8.36 0.46 17.95
C SER B 106 9.11 -0.72 17.35
N LYS B 107 8.93 -0.96 16.05
CA LYS B 107 9.64 -2.05 15.38
C LYS B 107 10.85 -1.53 14.62
N LEU B 108 11.12 -0.24 14.77
CA LEU B 108 12.20 0.43 14.03
C LEU B 108 13.17 1.10 15.02
N ILE B 109 14.37 1.41 14.52
CA ILE B 109 15.45 1.89 15.38
C ILE B 109 15.65 3.41 15.28
N HIS B 110 15.87 3.89 14.07
CA HIS B 110 16.07 5.33 13.81
C HIS B 110 15.80 5.60 12.32
N PRO B 111 14.54 5.43 11.92
CA PRO B 111 14.20 5.38 10.49
C PRO B 111 14.23 6.70 9.75
N LYS B 112 14.49 6.60 8.44
CA LYS B 112 14.39 7.73 7.52
CA LYS B 112 14.40 7.72 7.51
C LYS B 112 13.60 7.30 6.30
N ILE B 113 12.98 8.25 5.60
CA ILE B 113 12.29 7.91 4.35
C ILE B 113 12.99 8.49 3.13
N GLU B 114 12.79 7.82 2.00
CA GLU B 114 13.37 8.18 0.72
C GLU B 114 12.30 8.14 -0.35
N ALA B 115 12.27 9.13 -1.22
CA ALA B 115 11.41 9.08 -2.40
C ALA B 115 12.10 8.38 -3.56
N GLU B 116 11.49 7.30 -4.06
CA GLU B 116 12.08 6.56 -5.18
C GLU B 116 11.06 6.29 -6.27
N ILE B 117 11.56 5.92 -7.44
CA ILE B 117 10.70 5.37 -8.48
C ILE B 117 11.11 3.91 -8.70
N SER B 118 10.13 3.00 -8.64
CA SER B 118 10.41 1.59 -8.87
C SER B 118 9.97 1.17 -10.25
N VAL B 119 10.53 0.06 -10.71
CA VAL B 119 10.08 -0.54 -11.95
C VAL B 119 9.71 -2.00 -11.74
N VAL B 120 8.84 -2.49 -12.61
CA VAL B 120 8.61 -3.91 -12.75
C VAL B 120 8.99 -4.27 -14.18
N THR B 121 9.80 -5.32 -14.33
CA THR B 121 10.26 -5.71 -15.66
C THR B 121 9.32 -6.72 -16.30
N LYS B 122 9.36 -6.81 -17.63
CA LYS B 122 8.55 -7.80 -18.36
C LYS B 122 9.42 -8.70 -19.25
N ALA B 123 10.72 -8.54 -19.14
CA ALA B 123 11.68 -9.38 -19.89
C ALA B 123 12.96 -9.49 -19.06
N PRO B 124 13.69 -10.60 -19.18
CA PRO B 124 14.90 -10.75 -18.35
C PRO B 124 16.01 -9.77 -18.74
N LEU B 125 16.82 -9.43 -17.76
CA LEU B 125 18.00 -8.59 -17.96
C LEU B 125 19.20 -9.25 -17.30
N HIS B 126 20.37 -9.14 -17.92
CA HIS B 126 21.58 -9.66 -17.32
C HIS B 126 22.79 -8.79 -17.66
N GLY B 127 23.83 -8.95 -16.85
CA GLY B 127 25.15 -8.44 -17.17
C GLY B 127 26.08 -9.61 -17.45
N PRO B 128 27.37 -9.32 -17.65
CA PRO B 128 27.98 -7.99 -17.67
C PRO B 128 27.62 -7.17 -18.88
N GLY B 129 27.98 -5.89 -18.82
CA GLY B 129 27.83 -4.98 -19.93
C GLY B 129 26.41 -4.54 -20.22
N CYS B 130 25.55 -4.59 -19.20
CA CYS B 130 24.20 -4.05 -19.34
C CYS B 130 24.24 -2.53 -19.16
N HIS B 131 23.51 -1.79 -20.01
CA HIS B 131 23.42 -0.34 -19.92
C HIS B 131 21.99 0.14 -20.23
N LEU B 132 21.77 1.45 -20.28
CA LEU B 132 20.42 1.99 -20.44
C LEU B 132 19.63 1.38 -21.60
N GLY B 133 20.26 1.26 -22.76
CA GLY B 133 19.57 0.81 -23.95
C GLY B 133 18.98 -0.58 -23.79
N ASP B 134 19.69 -1.42 -23.05
CA ASP B 134 19.22 -2.78 -22.79
C ASP B 134 17.99 -2.81 -21.89
N VAL B 135 17.92 -1.85 -20.96
CA VAL B 135 16.91 -1.85 -19.90
C VAL B 135 15.55 -1.37 -20.42
N ILE B 136 15.57 -0.39 -21.33
CA ILE B 136 14.33 0.27 -21.71
C ILE B 136 13.26 -0.68 -22.25
N ALA B 137 13.63 -1.58 -23.16
CA ALA B 137 12.64 -2.50 -23.73
C ALA B 137 12.13 -3.53 -22.73
N ALA B 138 12.80 -3.65 -21.59
CA ALA B 138 12.42 -4.66 -20.61
C ALA B 138 11.51 -4.13 -19.50
N ILE B 139 11.23 -2.84 -19.51
CA ILE B 139 10.40 -2.26 -18.45
C ILE B 139 8.92 -2.41 -18.77
N ASP B 140 8.15 -2.95 -17.82
CA ASP B 140 6.69 -3.09 -17.93
C ASP B 140 6.02 -1.78 -17.50
N TYR B 141 6.27 -1.39 -16.26
CA TYR B 141 5.71 -0.13 -15.77
C TYR B 141 6.55 0.39 -14.60
N VAL B 142 6.24 1.62 -14.21
CA VAL B 142 6.91 2.25 -13.07
C VAL B 142 5.91 2.46 -11.95
N ILE B 143 6.43 2.54 -10.72
CA ILE B 143 5.62 2.61 -9.49
C ILE B 143 6.25 3.57 -8.49
N PRO B 144 5.55 4.66 -8.15
CA PRO B 144 6.04 5.51 -7.06
C PRO B 144 6.23 4.71 -5.77
N THR B 145 7.38 4.85 -5.12
CA THR B 145 7.68 4.04 -3.93
C THR B 145 8.50 4.84 -2.94
N VAL B 146 8.03 4.92 -1.70
CA VAL B 146 8.81 5.53 -0.63
C VAL B 146 9.51 4.41 0.16
N GLU B 147 10.84 4.49 0.31
CA GLU B 147 11.52 3.51 1.16
C GLU B 147 11.60 4.01 2.59
N VAL B 148 11.49 3.10 3.55
CA VAL B 148 11.92 3.40 4.91
C VAL B 148 13.24 2.64 5.13
N ILE B 149 14.33 3.39 5.31
CA ILE B 149 15.60 2.77 5.60
C ILE B 149 15.93 2.93 7.09
N ASP B 150 16.67 1.96 7.61
CA ASP B 150 16.87 1.86 9.05
C ASP B 150 18.10 1.02 9.32
N SER B 151 19.27 1.64 9.27
CA SER B 151 20.52 0.91 9.48
C SER B 151 20.53 0.28 10.86
N ARG B 152 20.97 -0.97 10.95
CA ARG B 152 21.05 -1.59 12.27
C ARG B 152 22.32 -1.19 13.04
N TYR B 153 23.15 -0.31 12.47
CA TYR B 153 24.36 0.15 13.17
C TYR B 153 24.12 1.41 14.01
N GLU B 154 24.81 1.47 15.15
CA GLU B 154 24.50 2.47 16.18
C GLU B 154 25.28 3.77 16.04
N ASN B 155 26.28 3.74 15.18
CA ASN B 155 27.28 4.80 15.14
C ASN B 155 27.09 5.80 14.00
N PHE B 156 28.02 6.73 13.88
CA PHE B 156 27.90 7.81 12.90
C PHE B 156 28.49 7.47 11.52
N LYS B 157 29.70 6.93 11.51
CA LYS B 157 30.42 6.73 10.25
C LYS B 157 29.72 5.70 9.38
N PHE B 158 29.56 6.03 8.10
CA PHE B 158 28.95 5.16 7.11
C PHE B 158 30.03 4.27 6.50
N ASP B 159 29.81 2.96 6.54
CA ASP B 159 30.77 2.04 5.96
C ASP B 159 30.04 1.13 4.97
N PRO B 160 30.34 1.26 3.67
CA PRO B 160 29.59 0.55 2.63
C PRO B 160 29.61 -0.97 2.77
N ILE B 161 30.74 -1.53 3.21
CA ILE B 161 30.83 -2.98 3.37
C ILE B 161 29.90 -3.45 4.49
N SER B 162 29.93 -2.78 5.64
CA SER B 162 29.00 -3.10 6.72
CA SER B 162 29.00 -3.14 6.71
C SER B 162 27.55 -2.93 6.28
N VAL B 163 27.28 -1.85 5.52
CA VAL B 163 25.92 -1.57 5.10
C VAL B 163 25.39 -2.65 4.15
N VAL B 164 26.23 -3.14 3.24
CA VAL B 164 25.84 -4.29 2.40
C VAL B 164 25.48 -5.52 3.24
N ALA B 165 26.30 -5.80 4.26
CA ALA B 165 26.06 -6.97 5.11
C ALA B 165 24.72 -6.83 5.85
N ASP B 166 24.30 -5.58 6.12
CA ASP B 166 23.04 -5.25 6.78
C ASP B 166 21.93 -4.99 5.75
N ASN B 167 22.03 -5.68 4.61
CA ASN B 167 21.01 -5.62 3.56
C ASN B 167 20.69 -4.20 3.13
N ALA B 168 21.73 -3.37 3.02
CA ALA B 168 21.59 -1.99 2.57
C ALA B 168 20.53 -1.21 3.35
N SER B 169 20.45 -1.50 4.64
CA SER B 169 19.56 -0.80 5.58
C SER B 169 18.08 -0.96 5.27
N SER B 170 17.71 -1.96 4.48
CA SER B 170 16.30 -2.12 4.13
C SER B 170 15.42 -2.48 5.33
N THR B 171 14.19 -1.96 5.35
CA THR B 171 13.26 -2.37 6.38
C THR B 171 11.77 -2.25 6.01
N ARG B 172 11.38 -1.19 5.28
CA ARG B 172 10.00 -1.08 4.78
C ARG B 172 10.00 -0.41 3.42
N PHE B 173 8.93 -0.62 2.65
CA PHE B 173 8.73 0.15 1.44
C PHE B 173 7.24 0.36 1.24
N ILE B 174 6.89 1.52 0.69
CA ILE B 174 5.51 1.93 0.54
C ILE B 174 5.25 2.23 -0.94
N THR B 175 4.53 1.35 -1.62
CA THR B 175 4.13 1.65 -3.00
C THR B 175 2.86 2.47 -2.97
N GLY B 176 2.66 3.30 -3.98
CA GLY B 176 1.45 4.10 -4.05
C GLY B 176 1.42 4.91 -5.31
N GLY B 177 0.57 5.92 -5.35
CA GLY B 177 0.39 6.72 -6.56
C GLY B 177 -0.09 5.88 -7.73
N ARG B 178 0.14 6.36 -8.94
CA ARG B 178 -0.33 5.72 -10.16
C ARG B 178 0.79 4.93 -10.84
N MET B 179 0.48 3.74 -11.34
CA MET B 179 1.42 2.97 -12.14
CA MET B 179 1.44 2.99 -12.13
C MET B 179 1.31 3.41 -13.59
N ALA B 180 2.46 3.55 -14.25
CA ALA B 180 2.42 4.05 -15.61
C ALA B 180 3.43 3.36 -16.48
N SER B 181 3.14 3.32 -17.77
CA SER B 181 4.08 2.78 -18.74
C SER B 181 5.20 3.75 -18.97
N LEU B 182 6.34 3.23 -19.42
CA LEU B 182 7.49 4.08 -19.68
C LEU B 182 7.21 5.13 -20.75
N GLU B 183 6.29 4.83 -21.67
CA GLU B 183 5.90 5.77 -22.73
C GLU B 183 5.29 7.06 -22.19
N GLU B 184 4.76 7.01 -20.97
CA GLU B 184 4.07 8.16 -20.40
C GLU B 184 4.94 9.01 -19.49
N VAL B 185 6.11 8.51 -19.13
CA VAL B 185 6.91 9.15 -18.10
CA VAL B 185 6.90 9.18 -18.12
C VAL B 185 8.34 9.42 -18.56
N ASP B 186 8.82 10.63 -18.29
CA ASP B 186 10.21 10.98 -18.52
C ASP B 186 10.90 10.86 -17.16
N LEU B 187 11.61 9.76 -16.95
CA LEU B 187 12.17 9.49 -15.62
C LEU B 187 13.30 10.44 -15.22
N ARG B 188 13.95 11.09 -16.18
CA ARG B 188 14.96 12.07 -15.84
C ARG B 188 14.34 13.36 -15.28
N THR B 189 13.21 13.77 -15.86
CA THR B 189 12.59 15.02 -15.46
C THR B 189 11.45 14.83 -14.45
N LEU B 190 11.14 13.58 -14.11
CA LEU B 190 10.11 13.29 -13.12
C LEU B 190 10.37 14.01 -11.80
N GLY B 191 9.47 14.91 -11.42
CA GLY B 191 9.66 15.70 -10.21
C GLY B 191 9.01 15.09 -8.99
N VAL B 192 9.70 15.17 -7.86
CA VAL B 192 9.10 14.71 -6.60
C VAL B 192 9.17 15.81 -5.56
N VAL B 193 8.14 15.83 -4.71
CA VAL B 193 8.03 16.75 -3.59
C VAL B 193 7.77 15.96 -2.33
N MET B 194 8.68 16.05 -1.36
CA MET B 194 8.45 15.37 -0.10
CA MET B 194 8.48 15.36 -0.08
C MET B 194 7.92 16.32 0.95
N GLU B 195 6.78 15.99 1.50
CA GLU B 195 6.10 16.80 2.49
C GLU B 195 6.07 16.05 3.82
N LYS B 196 6.40 16.76 4.90
CA LYS B 196 6.37 16.18 6.24
C LYS B 196 5.59 17.12 7.16
N ASN B 197 4.52 16.61 7.76
CA ASN B 197 3.63 17.40 8.62
C ASN B 197 3.23 18.72 7.96
N GLY B 198 2.88 18.62 6.69
CA GLY B 198 2.37 19.73 5.91
C GLY B 198 3.39 20.69 5.35
N GLU B 199 4.68 20.46 5.63
CA GLU B 199 5.76 21.32 5.14
C GLU B 199 6.58 20.63 4.06
N VAL B 200 6.89 21.33 2.98
CA VAL B 200 7.78 20.79 1.96
C VAL B 200 9.20 20.75 2.50
N VAL B 201 9.78 19.54 2.57
CA VAL B 201 11.11 19.40 3.14
C VAL B 201 12.20 18.96 2.14
N GLU B 202 11.82 18.32 1.04
CA GLU B 202 12.79 17.99 -0.02
C GLU B 202 12.13 18.06 -1.40
N LEU B 203 12.94 18.44 -2.39
CA LEU B 203 12.53 18.51 -3.78
C LEU B 203 13.59 17.87 -4.63
N GLY B 204 13.20 17.14 -5.69
CA GLY B 204 14.21 16.62 -6.60
C GLY B 204 13.63 16.04 -7.86
N ALA B 205 14.50 15.66 -8.79
CA ALA B 205 14.07 15.04 -10.04
C ALA B 205 14.74 13.70 -10.22
N GLY B 206 14.11 12.83 -11.01
CA GLY B 206 14.57 11.47 -11.17
C GLY B 206 16.01 11.36 -11.64
N ALA B 207 16.47 12.35 -12.40
CA ALA B 207 17.86 12.36 -12.84
C ALA B 207 18.87 12.30 -11.68
N ALA B 208 18.44 12.57 -10.45
CA ALA B 208 19.35 12.50 -9.31
C ALA B 208 19.86 11.08 -9.06
N VAL B 209 19.17 10.09 -9.63
CA VAL B 209 19.61 8.70 -9.59
C VAL B 209 20.54 8.46 -10.78
N LEU B 210 21.85 8.69 -10.57
CA LEU B 210 22.91 8.41 -11.54
C LEU B 210 22.89 9.27 -12.80
N GLY B 211 21.88 10.11 -12.96
CA GLY B 211 21.64 10.78 -14.23
C GLY B 211 20.44 10.20 -14.97
N HIS B 212 20.08 8.96 -14.62
CA HIS B 212 18.92 8.31 -15.20
C HIS B 212 18.54 7.11 -14.35
N PRO B 213 17.33 7.09 -13.77
CA PRO B 213 16.97 5.98 -12.89
C PRO B 213 17.09 4.59 -13.50
N LEU B 214 16.87 4.45 -14.81
CA LEU B 214 16.95 3.12 -15.39
C LEU B 214 18.39 2.62 -15.43
N SER B 215 19.36 3.52 -15.33
CA SER B 215 20.76 3.11 -15.25
C SER B 215 20.98 2.25 -14.00
N SER B 216 20.22 2.54 -12.95
CA SER B 216 20.33 1.78 -11.71
CA SER B 216 20.33 1.77 -11.71
C SER B 216 19.99 0.30 -11.95
N VAL B 217 18.99 0.06 -12.79
CA VAL B 217 18.58 -1.29 -13.15
C VAL B 217 19.73 -1.99 -13.90
N ALA B 218 20.38 -1.28 -14.82
CA ALA B 218 21.49 -1.88 -15.55
C ALA B 218 22.65 -2.22 -14.60
N MET B 219 22.97 -1.31 -13.68
CA MET B 219 24.05 -1.56 -12.73
C MET B 219 23.72 -2.75 -11.82
N LEU B 220 22.44 -2.89 -11.47
CA LEU B 220 22.00 -4.03 -10.68
C LEU B 220 22.24 -5.32 -11.44
N ALA B 221 21.91 -5.36 -12.73
CA ALA B 221 22.13 -6.55 -13.53
C ALA B 221 23.63 -6.88 -13.55
N ASN B 222 24.47 -5.87 -13.71
CA ASN B 222 25.91 -6.12 -13.72
C ASN B 222 26.42 -6.60 -12.36
N LEU B 223 25.93 -6.03 -11.26
CA LEU B 223 26.33 -6.50 -9.94
C LEU B 223 25.89 -7.95 -9.68
N LEU B 224 24.65 -8.26 -10.04
CA LEU B 224 24.14 -9.63 -9.86
C LEU B 224 24.95 -10.64 -10.68
N ALA B 225 25.38 -10.25 -11.87
CA ALA B 225 26.19 -11.15 -12.71
C ALA B 225 27.50 -11.57 -12.04
N GLU B 226 28.04 -10.73 -11.16
CA GLU B 226 29.28 -11.08 -10.43
C GLU B 226 29.09 -12.35 -9.61
N ARG B 227 27.87 -12.62 -9.17
CA ARG B 227 27.57 -13.82 -8.41
C ARG B 227 26.78 -14.84 -9.24
N GLY B 228 26.76 -14.64 -10.56
CA GLY B 228 26.08 -15.57 -11.45
C GLY B 228 24.56 -15.52 -11.38
N GLU B 229 24.03 -14.34 -11.05
CA GLU B 229 22.58 -14.13 -11.00
C GLU B 229 22.17 -13.11 -12.07
N HIS B 230 20.86 -12.96 -12.27
CA HIS B 230 20.34 -11.96 -13.20
C HIS B 230 19.02 -11.40 -12.68
N ILE B 231 18.37 -10.58 -13.50
CA ILE B 231 17.06 -10.03 -13.16
C ILE B 231 16.00 -10.72 -13.99
N PRO B 232 15.27 -11.70 -13.39
CA PRO B 232 14.20 -12.35 -14.14
C PRO B 232 13.09 -11.38 -14.54
N ALA B 233 12.36 -11.69 -15.61
CA ALA B 233 11.15 -10.94 -15.92
C ALA B 233 10.21 -10.94 -14.72
N GLY B 234 9.60 -9.79 -14.47
CA GLY B 234 8.61 -9.66 -13.41
C GLY B 234 9.17 -9.17 -12.08
N THR B 235 10.44 -8.77 -12.09
CA THR B 235 11.10 -8.32 -10.87
C THR B 235 10.77 -6.86 -10.55
N PHE B 236 10.54 -6.58 -9.26
CA PHE B 236 10.28 -5.25 -8.72
C PHE B 236 11.59 -4.68 -8.22
N ILE B 237 11.97 -3.49 -8.71
CA ILE B 237 13.25 -2.87 -8.35
C ILE B 237 13.07 -1.42 -7.90
N MET B 238 13.54 -1.10 -6.70
CA MET B 238 13.53 0.28 -6.20
C MET B 238 14.84 0.91 -6.64
N THR B 239 14.78 1.95 -7.47
CA THR B 239 15.99 2.35 -8.20
C THR B 239 16.88 3.34 -7.46
N GLY B 240 16.42 3.91 -6.34
CA GLY B 240 17.29 4.77 -5.54
C GLY B 240 16.68 6.07 -5.04
N GLY B 241 17.17 6.57 -3.92
CA GLY B 241 16.65 7.81 -3.36
C GLY B 241 16.87 9.01 -4.27
N ILE B 242 15.79 9.72 -4.55
CA ILE B 242 15.83 10.87 -5.44
C ILE B 242 16.27 12.14 -4.70
N THR B 243 15.99 12.21 -3.40
CA THR B 243 16.50 13.31 -2.58
C THR B 243 17.26 12.77 -1.37
N ALA B 244 17.77 13.68 -0.54
CA ALA B 244 18.30 13.31 0.75
C ALA B 244 17.20 12.63 1.54
N ALA B 245 17.58 11.63 2.33
CA ALA B 245 16.64 10.92 3.17
C ALA B 245 16.12 11.83 4.30
N VAL B 246 14.88 11.61 4.71
CA VAL B 246 14.26 12.46 5.72
C VAL B 246 13.90 11.64 6.96
N PRO B 247 14.46 12.02 8.13
CA PRO B 247 14.12 11.28 9.36
C PRO B 247 12.63 11.34 9.71
N VAL B 248 12.10 10.26 10.27
CA VAL B 248 10.72 10.25 10.76
C VAL B 248 10.65 9.67 12.16
N ALA B 249 9.57 10.01 12.84
CA ALA B 249 9.37 9.58 14.21
C ALA B 249 7.87 9.45 14.49
N PRO B 250 7.49 8.79 15.60
CA PRO B 250 6.08 8.69 15.96
C PRO B 250 5.38 10.05 15.94
N GLY B 251 4.19 10.07 15.36
CA GLY B 251 3.42 11.29 15.21
C GLY B 251 3.52 11.94 13.85
N ASP B 252 4.55 11.61 13.08
CA ASP B 252 4.75 12.24 11.78
C ASP B 252 3.80 11.71 10.72
N ASN B 253 3.39 12.62 9.83
CA ASN B 253 2.67 12.28 8.62
C ASN B 253 3.51 12.70 7.44
N ILE B 254 3.63 11.83 6.44
CA ILE B 254 4.38 12.20 5.25
C ILE B 254 3.55 11.99 3.98
N THR B 255 3.82 12.80 2.97
CA THR B 255 3.24 12.60 1.64
C THR B 255 4.30 12.96 0.63
N VAL B 256 4.50 12.08 -0.35
CA VAL B 256 5.45 12.36 -1.41
C VAL B 256 4.68 12.44 -2.72
N ARG B 257 4.76 13.60 -3.37
CA ARG B 257 4.02 13.82 -4.61
C ARG B 257 4.93 13.60 -5.80
N TYR B 258 4.44 12.82 -6.77
CA TYR B 258 5.17 12.50 -8.00
C TYR B 258 4.45 13.15 -9.17
N GLN B 259 5.15 14.00 -9.93
CA GLN B 259 4.51 14.74 -11.01
C GLN B 259 3.89 13.79 -12.02
N GLY B 260 2.58 13.88 -12.17
CA GLY B 260 1.83 13.05 -13.11
C GLY B 260 1.50 11.65 -12.61
N LEU B 261 1.97 11.28 -11.41
CA LEU B 261 1.77 9.92 -10.90
C LEU B 261 1.19 9.86 -9.50
N GLY B 262 0.50 10.92 -9.08
CA GLY B 262 -0.15 10.88 -7.78
C GLY B 262 0.81 11.00 -6.62
N SER B 263 0.43 10.43 -5.48
CA SER B 263 1.22 10.60 -4.28
C SER B 263 1.24 9.34 -3.41
N VAL B 264 2.26 9.25 -2.57
CA VAL B 264 2.42 8.17 -1.61
C VAL B 264 2.43 8.76 -0.22
N SER B 265 1.64 8.22 0.70
CA SER B 265 1.57 8.78 2.06
C SER B 265 1.73 7.70 3.11
N ALA B 266 2.07 8.11 4.33
CA ALA B 266 2.13 7.20 5.46
C ALA B 266 2.06 7.98 6.76
N ARG B 267 1.58 7.34 7.82
CA ARG B 267 1.56 7.93 9.15
C ARG B 267 2.38 7.06 10.07
N PHE B 268 3.17 7.68 10.94
CA PHE B 268 4.02 6.93 11.86
C PHE B 268 3.49 6.99 13.28
N ILE B 269 3.51 5.84 13.96
CA ILE B 269 3.11 5.77 15.37
C ILE B 269 4.22 5.18 16.22
#